data_8EMK
#
_entry.id   8EMK
#
_cell.length_a   50.821
_cell.length_b   81.523
_cell.length_c   109.140
_cell.angle_alpha   90.000
_cell.angle_beta   90.000
_cell.angle_gamma   90.000
#
_symmetry.space_group_name_H-M   'P 21 21 21'
#
loop_
_entity.id
_entity.type
_entity.pdbx_description
1 polymer 'MHC class I antigen'
2 polymer Beta-2-microglobulin
3 polymer 'Nucleoprotein NP3 epitope'
4 non-polymer 'SODIUM ION'
5 water water
#
loop_
_entity_poly.entity_id
_entity_poly.type
_entity_poly.pdbx_seq_one_letter_code
_entity_poly.pdbx_strand_id
1 'polypeptide(L)'
;GSHSMRYFYTAMSRPGRGEPRFIAVGYVDDTQFVRFDSDAASPRTEPRAPWIEQEGPEYWDRNTQIFKTNTQTYRESLRN
LRGYYNQSEAGSHIIQRMYGCDLGPDGRLLRGHDQSAYDGKDYIALNEDLSSWTAADTAAQITQRKWEAARVAEQLRAYL
EGLCVEWLRRYLENGKETLQRADPPKTHVTHHPVSDHEATLRCWALGFYPAEITLTWQRDGEDQTQDTELVETRPAGDRT
FQKWAAVVVPSGEEQRYTCHVQHEGLPKPLTLRWEP
;
A
2 'polypeptide(L)'
;MIQRTPKIQVYSRHPAENGKSNFLNCYVSGFHPSDIEVDLLKNGERIEKVEHSDLSFSKDWSFYLLYYTEFTPTEKDEYA
CRVNHVTLSQPKIVKWDRDM
;
B
3 'polypeptide(L)' LPFDKPTIM C
#
# COMPACT_ATOMS: atom_id res chain seq x y z
N GLY A 1 1.63 16.01 -14.22
CA GLY A 1 0.40 15.54 -13.60
C GLY A 1 0.29 15.92 -12.13
N SER A 2 -0.71 15.33 -11.44
CA SER A 2 -0.99 15.55 -10.01
C SER A 2 -0.07 14.67 -9.19
N HIS A 3 0.43 15.22 -8.08
CA HIS A 3 1.36 14.47 -7.23
C HIS A 3 1.04 14.62 -5.74
N SER A 4 1.43 13.61 -4.95
CA SER A 4 1.21 13.69 -3.53
C SER A 4 2.41 13.15 -2.77
N MET A 5 2.52 13.57 -1.51
CA MET A 5 3.49 13.05 -0.56
C MET A 5 2.72 12.57 0.64
N ARG A 6 3.13 11.44 1.18
CA ARG A 6 2.50 10.89 2.37
C ARG A 6 3.48 10.23 3.26
N TYR A 7 3.26 10.36 4.58
CA TYR A 7 3.96 9.57 5.57
C TYR A 7 2.94 8.65 6.20
N PHE A 8 3.33 7.40 6.39
CA PHE A 8 2.49 6.39 7.03
C PHE A 8 3.19 5.91 8.27
N TYR A 9 2.57 6.13 9.45
CA TYR A 9 3.13 5.65 10.71
C TYR A 9 2.31 4.51 11.26
N THR A 10 2.97 3.48 11.81
CA THR A 10 2.29 2.38 12.50
C THR A 10 2.97 2.19 13.86
N ALA A 11 2.18 2.24 14.94
CA ALA A 11 2.71 2.02 16.33
C ALA A 11 1.94 0.87 16.89
N MET A 12 2.63 -0.20 17.28
CA MET A 12 1.96 -1.44 17.66
C MET A 12 2.40 -1.87 19.05
N SER A 13 1.49 -1.97 20.03
CA SER A 13 1.91 -2.48 21.35
C SER A 13 1.96 -4.01 21.31
N ARG A 14 2.72 -4.61 22.24
CA ARG A 14 2.86 -6.09 22.28
C ARG A 14 3.17 -6.49 23.73
N PRO A 15 2.19 -6.35 24.63
CA PRO A 15 2.48 -6.61 26.06
C PRO A 15 3.17 -7.94 26.33
N GLY A 16 4.20 -7.89 27.13
CA GLY A 16 5.02 -9.06 27.45
C GLY A 16 6.10 -9.34 26.40
N ARG A 17 6.13 -8.51 25.31
CA ARG A 17 7.11 -8.68 24.24
C ARG A 17 7.86 -7.39 23.94
N GLY A 18 8.12 -6.62 25.00
CA GLY A 18 8.86 -5.38 24.87
C GLY A 18 8.00 -4.18 24.61
N GLU A 19 8.68 -3.06 24.32
CA GLU A 19 8.01 -1.80 24.09
C GLU A 19 7.37 -1.77 22.69
N PRO A 20 6.36 -0.90 22.48
CA PRO A 20 5.72 -0.85 21.15
C PRO A 20 6.67 -0.52 20.01
N ARG A 21 6.45 -1.18 18.88
CA ARG A 21 7.23 -0.94 17.67
C ARG A 21 6.66 0.28 16.98
N PHE A 22 7.52 1.14 16.45
CA PHE A 22 7.12 2.29 15.64
C PHE A 22 7.79 2.17 14.29
N ILE A 23 7.00 2.18 13.20
CA ILE A 23 7.52 2.16 11.85
C ILE A 23 6.96 3.34 11.09
N ALA A 24 7.81 4.01 10.32
CA ALA A 24 7.36 5.12 9.48
C ALA A 24 7.89 4.88 8.08
N VAL A 25 7.04 5.08 7.08
CA VAL A 25 7.45 5.00 5.67
C VAL A 25 7.00 6.29 4.99
N GLY A 26 7.77 6.75 4.03
CA GLY A 26 7.42 7.94 3.28
C GLY A 26 7.24 7.59 1.82
N TYR A 27 6.20 8.16 1.19
CA TYR A 27 5.92 7.98 -0.23
C TYR A 27 5.79 9.29 -0.98
N VAL A 28 6.17 9.26 -2.27
CA VAL A 28 5.80 10.28 -3.25
C VAL A 28 4.96 9.46 -4.23
N ASP A 29 3.63 9.75 -4.34
CA ASP A 29 2.74 8.96 -5.17
C ASP A 29 2.88 7.50 -4.71
N ASP A 30 3.17 6.57 -5.64
CA ASP A 30 3.27 5.16 -5.34
C ASP A 30 4.72 4.68 -5.18
N THR A 31 5.63 5.63 -4.87
CA THR A 31 7.03 5.31 -4.71
C THR A 31 7.48 5.57 -3.29
N GLN A 32 7.85 4.51 -2.59
CA GLN A 32 8.41 4.66 -1.25
C GLN A 32 9.80 5.24 -1.34
N PHE A 33 10.16 6.19 -0.47
CA PHE A 33 11.49 6.75 -0.56
C PHE A 33 12.27 6.71 0.76
N VAL A 34 11.59 6.48 1.91
CA VAL A 34 12.27 6.38 3.22
C VAL A 34 11.58 5.37 4.10
N ARG A 35 12.33 4.83 5.07
CA ARG A 35 11.78 3.98 6.11
C ARG A 35 12.51 4.24 7.41
N PHE A 36 11.79 4.05 8.50
CA PHE A 36 12.36 4.08 9.86
C PHE A 36 11.69 2.98 10.63
N ASP A 37 12.44 2.13 11.33
CA ASP A 37 11.84 1.04 12.10
C ASP A 37 12.53 1.00 13.46
N SER A 38 11.76 1.18 14.54
CA SER A 38 12.36 1.19 15.89
C SER A 38 12.93 -0.19 16.28
N ASP A 39 12.53 -1.26 15.57
CA ASP A 39 13.01 -2.62 15.88
C ASP A 39 14.30 -2.98 15.14
N ALA A 40 14.77 -2.11 14.24
CA ALA A 40 15.99 -2.38 13.47
C ALA A 40 17.18 -2.46 14.43
N ALA A 41 18.23 -3.24 14.08
CA ALA A 41 19.40 -3.41 14.96
C ALA A 41 19.92 -2.04 15.47
N SER A 42 20.07 -1.05 14.58
CA SER A 42 20.46 0.32 14.93
C SER A 42 19.49 1.25 14.16
N PRO A 43 18.39 1.69 14.83
CA PRO A 43 17.35 2.45 14.11
C PRO A 43 17.82 3.76 13.55
N ARG A 44 17.66 3.89 12.22
CA ARG A 44 17.98 5.12 11.52
C ARG A 44 17.05 5.25 10.31
N THR A 45 16.89 6.48 9.82
CA THR A 45 16.10 6.67 8.63
C THR A 45 16.94 6.15 7.46
N GLU A 46 16.36 5.30 6.61
CA GLU A 46 17.08 4.72 5.50
C GLU A 46 16.47 5.09 4.18
N PRO A 47 17.31 5.31 3.13
CA PRO A 47 16.77 5.62 1.81
C PRO A 47 16.15 4.38 1.17
N ARG A 48 15.07 4.57 0.38
CA ARG A 48 14.40 3.48 -0.28
C ARG A 48 14.14 3.79 -1.76
N ALA A 49 14.62 4.94 -2.25
CA ALA A 49 14.54 5.33 -3.65
C ALA A 49 15.90 6.00 -4.03
N PRO A 50 16.48 5.74 -5.21
CA PRO A 50 17.82 6.30 -5.48
C PRO A 50 17.90 7.83 -5.47
N TRP A 51 16.81 8.55 -5.82
CA TRP A 51 16.83 10.02 -5.88
C TRP A 51 16.89 10.68 -4.51
N ILE A 52 16.62 9.91 -3.41
CA ILE A 52 16.70 10.50 -2.07
C ILE A 52 18.15 10.41 -1.53
N GLU A 53 18.97 9.55 -2.11
CA GLU A 53 20.35 9.30 -1.67
C GLU A 53 21.23 10.56 -1.67
N GLN A 54 21.03 11.50 -2.63
CA GLN A 54 21.78 12.77 -2.74
C GLN A 54 21.55 13.70 -1.54
N GLU A 55 20.52 13.42 -0.69
CA GLU A 55 20.31 14.22 0.49
C GLU A 55 21.48 13.99 1.45
N GLY A 56 21.94 15.06 2.07
CA GLY A 56 23.10 15.06 2.94
C GLY A 56 22.87 14.53 4.35
N PRO A 57 23.98 14.38 5.13
CA PRO A 57 23.86 13.86 6.51
C PRO A 57 22.89 14.63 7.40
N GLU A 58 22.77 15.96 7.23
CA GLU A 58 21.87 16.79 8.04
C GLU A 58 20.41 16.35 7.81
N TYR A 59 20.08 15.95 6.58
CA TYR A 59 18.73 15.45 6.26
C TYR A 59 18.46 14.15 7.02
N TRP A 60 19.37 13.16 6.92
CA TRP A 60 19.24 11.86 7.56
C TRP A 60 19.20 11.99 9.08
N ASP A 61 20.05 12.86 9.67
CA ASP A 61 20.03 13.11 11.10
C ASP A 61 18.69 13.71 11.56
N ARG A 62 18.20 14.70 10.80
CA ARG A 62 16.98 15.39 11.14
C ARG A 62 15.77 14.41 11.13
N ASN A 63 15.67 13.60 10.07
CA ASN A 63 14.61 12.56 9.96
C ASN A 63 14.69 11.60 11.14
N THR A 64 15.90 11.09 11.43
CA THR A 64 16.09 10.14 12.52
C THR A 64 15.70 10.74 13.86
N GLN A 65 16.06 12.02 14.14
CA GLN A 65 15.68 12.66 15.40
C GLN A 65 14.15 12.70 15.52
N ILE A 66 13.45 13.05 14.42
CA ILE A 66 11.99 13.16 14.38
C ILE A 66 11.36 11.79 14.64
N PHE A 67 11.83 10.75 13.94
CA PHE A 67 11.23 9.43 14.12
C PHE A 67 11.57 8.82 15.48
N LYS A 68 12.78 9.12 16.04
CA LYS A 68 13.08 8.63 17.38
C LYS A 68 12.15 9.33 18.40
N THR A 69 11.87 10.63 18.20
CA THR A 69 10.95 11.34 19.08
C THR A 69 9.56 10.75 18.92
N ASN A 70 9.14 10.43 17.66
N ASN A 70 9.14 10.44 17.66
CA ASN A 70 7.83 9.83 17.42
CA ASN A 70 7.82 9.86 17.41
C ASN A 70 7.70 8.49 18.09
C ASN A 70 7.70 8.49 18.06
N THR A 71 8.79 7.69 18.10
CA THR A 71 8.77 6.37 18.77
C THR A 71 8.35 6.52 20.25
N GLN A 72 8.87 7.52 20.94
CA GLN A 72 8.55 7.78 22.34
C GLN A 72 7.14 8.37 22.50
N THR A 73 6.76 9.34 21.66
CA THR A 73 5.44 9.96 21.67
C THR A 73 4.35 8.89 21.44
N TYR A 74 4.58 7.99 20.47
CA TYR A 74 3.54 7.01 20.17
C TYR A 74 3.40 5.92 21.26
N ARG A 75 4.45 5.66 22.02
CA ARG A 75 4.36 4.72 23.14
C ARG A 75 3.48 5.34 24.22
N GLU A 76 3.62 6.66 24.46
CA GLU A 76 2.79 7.38 25.40
C GLU A 76 1.33 7.43 24.89
N SER A 77 1.14 7.70 23.59
CA SER A 77 -0.21 7.72 23.03
C SER A 77 -0.88 6.35 23.18
N LEU A 78 -0.15 5.24 22.92
CA LEU A 78 -0.72 3.91 23.07
C LEU A 78 -1.20 3.70 24.52
N ARG A 79 -0.40 4.13 25.54
CA ARG A 79 -0.79 4.02 26.96
C ARG A 79 -2.08 4.82 27.22
N ASN A 80 -2.12 6.04 26.69
CA ASN A 80 -3.24 6.97 26.84
C ASN A 80 -4.50 6.39 26.25
N LEU A 81 -4.46 5.89 24.98
CA LEU A 81 -5.64 5.36 24.35
C LEU A 81 -6.15 4.08 25.01
N ARG A 82 -5.23 3.26 25.53
CA ARG A 82 -5.62 2.07 26.28
C ARG A 82 -6.52 2.52 27.45
N GLY A 83 -6.07 3.58 28.14
CA GLY A 83 -6.79 4.23 29.23
C GLY A 83 -8.14 4.79 28.80
N TYR A 84 -8.16 5.52 27.64
CA TYR A 84 -9.42 6.11 27.18
C TYR A 84 -10.52 5.10 26.89
N TYR A 85 -10.16 3.89 26.45
CA TYR A 85 -11.10 2.85 26.11
C TYR A 85 -11.24 1.82 27.22
N ASN A 86 -10.66 2.11 28.39
CA ASN A 86 -10.67 1.25 29.58
C ASN A 86 -10.25 -0.18 29.26
N GLN A 87 -9.26 -0.31 28.39
CA GLN A 87 -8.82 -1.62 27.96
C GLN A 87 -7.83 -2.23 28.95
N SER A 88 -7.74 -3.53 28.94
CA SER A 88 -6.80 -4.22 29.80
C SER A 88 -5.35 -4.08 29.26
N GLU A 89 -4.37 -4.23 30.16
CA GLU A 89 -2.95 -4.15 29.82
C GLU A 89 -2.53 -5.41 29.00
N ALA A 90 -3.42 -6.42 28.85
CA ALA A 90 -3.09 -7.68 28.16
C ALA A 90 -3.08 -7.61 26.62
N GLY A 91 -3.97 -6.84 26.01
CA GLY A 91 -4.10 -6.82 24.56
C GLY A 91 -3.10 -5.97 23.79
N SER A 92 -2.90 -6.33 22.53
CA SER A 92 -2.07 -5.55 21.60
C SER A 92 -2.96 -4.60 20.86
N HIS A 93 -2.50 -3.36 20.72
CA HIS A 93 -3.28 -2.35 20.00
C HIS A 93 -2.41 -1.62 19.03
N ILE A 94 -3.05 -0.97 18.05
CA ILE A 94 -2.30 -0.27 17.02
C ILE A 94 -2.82 1.12 16.78
N ILE A 95 -1.92 2.09 16.71
CA ILE A 95 -2.26 3.44 16.25
C ILE A 95 -1.64 3.56 14.86
N GLN A 96 -2.39 4.12 13.92
CA GLN A 96 -1.86 4.44 12.61
C GLN A 96 -2.11 5.90 12.32
N ARG A 97 -1.20 6.50 11.57
CA ARG A 97 -1.34 7.87 11.13
C ARG A 97 -0.92 7.99 9.70
N MET A 98 -1.67 8.78 8.91
CA MET A 98 -1.27 9.07 7.54
C MET A 98 -1.47 10.55 7.31
N TYR A 99 -0.44 11.23 6.79
CA TYR A 99 -0.57 12.67 6.55
C TYR A 99 0.25 13.07 5.36
N GLY A 100 -0.07 14.22 4.78
CA GLY A 100 0.70 14.68 3.64
C GLY A 100 -0.05 15.68 2.81
N CYS A 101 0.53 16.01 1.68
CA CYS A 101 -0.05 17.04 0.86
C CYS A 101 -0.31 16.55 -0.57
N ASP A 102 -1.34 17.11 -1.22
CA ASP A 102 -1.65 16.83 -2.62
C ASP A 102 -1.42 18.07 -3.45
N LEU A 103 -0.73 17.92 -4.59
CA LEU A 103 -0.51 19.01 -5.53
C LEU A 103 -1.35 18.76 -6.77
N GLY A 104 -1.77 19.83 -7.42
CA GLY A 104 -2.48 19.74 -8.69
C GLY A 104 -1.50 19.70 -9.85
N PRO A 105 -1.97 19.67 -11.13
CA PRO A 105 -1.04 19.58 -12.27
C PRO A 105 -0.14 20.82 -12.45
N ASP A 106 -0.54 21.96 -11.87
CA ASP A 106 0.21 23.22 -11.86
C ASP A 106 1.26 23.22 -10.76
N GLY A 107 1.21 22.23 -9.87
CA GLY A 107 2.12 22.12 -8.74
C GLY A 107 1.65 22.89 -7.53
N ARG A 108 0.41 23.40 -7.56
CA ARG A 108 -0.16 24.14 -6.42
C ARG A 108 -0.81 23.18 -5.40
N LEU A 109 -0.85 23.56 -4.11
CA LEU A 109 -1.50 22.75 -3.08
C LEU A 109 -2.99 22.59 -3.39
N LEU A 110 -3.40 21.36 -3.55
CA LEU A 110 -4.80 21.00 -3.74
C LEU A 110 -5.44 20.91 -2.36
N ARG A 111 -4.84 20.10 -1.45
CA ARG A 111 -5.34 19.91 -0.10
C ARG A 111 -4.30 19.17 0.74
N GLY A 112 -4.45 19.32 2.05
CA GLY A 112 -3.64 18.64 3.06
C GLY A 112 -4.44 17.55 3.75
N HIS A 113 -3.73 16.60 4.39
CA HIS A 113 -4.35 15.50 5.13
C HIS A 113 -3.60 15.22 6.39
N ASP A 114 -4.32 14.81 7.45
CA ASP A 114 -3.69 14.29 8.67
C ASP A 114 -4.75 13.50 9.40
N GLN A 115 -4.66 12.17 9.30
CA GLN A 115 -5.66 11.25 9.86
C GLN A 115 -5.04 10.22 10.74
N SER A 116 -5.71 9.88 11.86
CA SER A 116 -5.25 8.82 12.75
C SER A 116 -6.37 7.78 13.01
N ALA A 117 -5.94 6.53 13.24
CA ALA A 117 -6.81 5.42 13.52
C ALA A 117 -6.33 4.65 14.72
N TYR A 118 -7.25 3.98 15.39
CA TYR A 118 -6.94 3.13 16.53
C TYR A 118 -7.57 1.77 16.29
N ASP A 119 -6.75 0.71 16.28
CA ASP A 119 -7.18 -0.65 15.95
C ASP A 119 -7.95 -0.70 14.60
N GLY A 120 -7.49 0.09 13.65
CA GLY A 120 -8.01 0.09 12.28
C GLY A 120 -9.30 0.87 12.05
N LYS A 121 -9.77 1.57 13.08
CA LYS A 121 -10.99 2.38 13.03
C LYS A 121 -10.60 3.85 13.07
N ASP A 122 -11.23 4.70 12.22
CA ASP A 122 -10.98 6.13 12.30
C ASP A 122 -11.07 6.62 13.75
N TYR A 123 -10.14 7.46 14.15
CA TYR A 123 -10.07 7.99 15.52
C TYR A 123 -10.16 9.49 15.51
N ILE A 124 -9.23 10.19 14.85
CA ILE A 124 -9.27 11.65 14.75
C ILE A 124 -8.70 12.08 13.41
N ALA A 125 -9.31 13.08 12.80
CA ALA A 125 -8.79 13.56 11.50
C ALA A 125 -8.83 15.07 11.44
N LEU A 126 -7.78 15.66 10.84
CA LEU A 126 -7.75 17.08 10.54
C LEU A 126 -8.72 17.36 9.37
N ASN A 127 -9.64 18.32 9.58
CA ASN A 127 -10.60 18.64 8.52
C ASN A 127 -9.89 19.30 7.33
N GLU A 128 -10.55 19.32 6.15
CA GLU A 128 -9.95 19.91 4.95
C GLU A 128 -9.57 21.40 5.14
N ASP A 129 -10.25 22.12 6.05
CA ASP A 129 -9.89 23.52 6.38
C ASP A 129 -8.49 23.66 7.08
N LEU A 130 -7.89 22.52 7.55
CA LEU A 130 -6.60 22.49 8.24
C LEU A 130 -6.65 23.33 9.53
N SER A 131 -7.82 23.48 10.11
CA SER A 131 -8.02 24.31 11.30
C SER A 131 -8.85 23.62 12.37
N SER A 132 -9.66 22.63 12.00
CA SER A 132 -10.54 21.96 12.95
C SER A 132 -10.40 20.43 12.83
N TRP A 133 -10.91 19.70 13.83
CA TRP A 133 -10.81 18.24 13.95
C TRP A 133 -12.15 17.56 13.93
N THR A 134 -12.19 16.34 13.38
CA THR A 134 -13.32 15.44 13.45
C THR A 134 -12.91 14.27 14.39
N ALA A 135 -13.46 14.22 15.64
CA ALA A 135 -13.20 13.16 16.63
C ALA A 135 -14.26 12.08 16.49
N ALA A 136 -13.83 10.81 16.41
CA ALA A 136 -14.79 9.73 16.16
C ALA A 136 -15.70 9.42 17.37
N ASP A 137 -15.20 9.63 18.60
CA ASP A 137 -15.93 9.26 19.82
C ASP A 137 -15.45 10.07 21.01
N THR A 138 -15.97 9.78 22.24
CA THR A 138 -15.59 10.56 23.43
C THR A 138 -14.12 10.38 23.80
N ALA A 139 -13.52 9.25 23.40
CA ALA A 139 -12.08 9.05 23.63
C ALA A 139 -11.29 10.00 22.73
N ALA A 140 -11.64 10.02 21.43
CA ALA A 140 -10.96 10.92 20.49
C ALA A 140 -11.18 12.41 20.84
N GLN A 141 -12.31 12.71 21.53
CA GLN A 141 -12.55 14.08 22.02
C GLN A 141 -11.49 14.50 23.04
N ILE A 142 -10.97 13.54 23.85
CA ILE A 142 -9.90 13.88 24.79
C ILE A 142 -8.63 14.29 24.02
N THR A 143 -8.24 13.52 22.95
CA THR A 143 -7.10 13.93 22.11
C THR A 143 -7.32 15.32 21.49
N GLN A 144 -8.55 15.58 21.04
CA GLN A 144 -8.93 16.84 20.41
C GLN A 144 -8.60 18.02 21.35
N ARG A 145 -9.03 17.97 22.66
CA ARG A 145 -8.70 19.03 23.64
C ARG A 145 -7.21 19.21 23.81
N LYS A 146 -6.46 18.09 23.90
CA LYS A 146 -5.02 18.22 24.03
C LYS A 146 -4.41 18.93 22.83
N TRP A 147 -4.86 18.57 21.63
CA TRP A 147 -4.32 19.10 20.39
C TRP A 147 -4.71 20.54 20.18
N GLU A 148 -5.86 20.94 20.69
CA GLU A 148 -6.27 22.34 20.62
C GLU A 148 -5.34 23.21 21.50
N ALA A 149 -4.97 22.72 22.71
CA ALA A 149 -4.07 23.43 23.64
C ALA A 149 -2.65 23.55 23.11
N ALA A 150 -2.16 22.55 22.36
CA ALA A 150 -0.81 22.57 21.83
C ALA A 150 -0.72 23.30 20.48
N ARG A 151 -1.87 23.86 19.98
CA ARG A 151 -1.98 24.54 18.69
C ARG A 151 -1.56 23.58 17.55
N VAL A 152 -1.93 22.29 17.65
CA VAL A 152 -1.49 21.27 16.68
C VAL A 152 -1.97 21.59 15.26
N ALA A 153 -3.27 21.87 15.07
CA ALA A 153 -3.85 22.16 13.74
C ALA A 153 -3.13 23.31 13.06
N GLU A 154 -2.80 24.37 13.84
CA GLU A 154 -2.06 25.51 13.32
C GLU A 154 -0.65 25.10 12.86
N GLN A 155 0.00 24.20 13.64
CA GLN A 155 1.32 23.69 13.31
C GLN A 155 1.25 22.83 12.03
N LEU A 156 0.21 21.99 11.94
CA LEU A 156 0.01 21.13 10.76
C LEU A 156 -0.30 21.95 9.53
N ARG A 157 -1.13 22.99 9.66
CA ARG A 157 -1.44 23.84 8.51
C ARG A 157 -0.15 24.47 7.97
N ALA A 158 0.70 25.02 8.87
CA ALA A 158 1.98 25.62 8.49
C ALA A 158 2.85 24.61 7.74
N TYR A 159 2.94 23.38 8.26
CA TYR A 159 3.72 22.32 7.65
C TYR A 159 3.15 21.92 6.28
N LEU A 160 1.85 21.64 6.21
CA LEU A 160 1.18 21.13 5.02
C LEU A 160 1.23 22.13 3.90
N GLU A 161 1.09 23.42 4.21
CA GLU A 161 1.11 24.45 3.17
C GLU A 161 2.54 24.93 2.89
N GLY A 162 3.48 24.59 3.77
CA GLY A 162 4.85 25.04 3.69
C GLY A 162 5.84 23.97 3.33
N LEU A 163 6.53 23.45 4.35
CA LEU A 163 7.57 22.43 4.19
C LEU A 163 7.11 21.22 3.38
N CYS A 164 5.87 20.76 3.60
CA CYS A 164 5.36 19.57 2.87
C CYS A 164 5.42 19.78 1.36
N VAL A 165 4.83 20.89 0.88
CA VAL A 165 4.77 21.20 -0.55
C VAL A 165 6.18 21.49 -1.08
N GLU A 166 7.00 22.20 -0.28
CA GLU A 166 8.36 22.54 -0.68
C GLU A 166 9.21 21.29 -0.91
N TRP A 167 9.21 20.37 0.06
CA TRP A 167 10.00 19.15 -0.06
C TRP A 167 9.42 18.24 -1.15
N LEU A 168 8.08 18.17 -1.27
CA LEU A 168 7.52 17.38 -2.35
C LEU A 168 8.00 17.90 -3.72
N ARG A 169 7.98 19.22 -3.93
CA ARG A 169 8.44 19.78 -5.20
C ARG A 169 9.94 19.46 -5.43
N ARG A 170 10.75 19.47 -4.36
CA ARG A 170 12.17 19.14 -4.46
C ARG A 170 12.35 17.67 -4.89
N TYR A 171 11.59 16.74 -4.25
CA TYR A 171 11.70 15.35 -4.60
C TYR A 171 11.27 15.13 -6.04
N LEU A 172 10.18 15.78 -6.45
CA LEU A 172 9.69 15.62 -7.82
C LEU A 172 10.74 16.07 -8.84
N GLU A 173 11.50 17.11 -8.52
CA GLU A 173 12.58 17.56 -9.41
C GLU A 173 13.75 16.58 -9.40
N ASN A 174 14.23 16.17 -8.20
CA ASN A 174 15.36 15.24 -8.08
C ASN A 174 15.06 13.87 -8.69
N GLY A 175 13.81 13.42 -8.59
CA GLY A 175 13.43 12.15 -9.17
C GLY A 175 12.58 12.27 -10.41
N LYS A 176 12.70 13.40 -11.15
CA LYS A 176 11.83 13.69 -12.29
C LYS A 176 11.82 12.58 -13.34
N GLU A 177 12.95 11.87 -13.57
CA GLU A 177 13.00 10.81 -14.59
C GLU A 177 12.07 9.65 -14.30
N THR A 178 11.74 9.40 -13.01
CA THR A 178 10.83 8.32 -12.64
C THR A 178 9.49 8.86 -12.10
N LEU A 179 9.57 9.76 -11.13
CA LEU A 179 8.37 10.27 -10.46
C LEU A 179 7.44 10.99 -11.42
N GLN A 180 7.98 11.67 -12.44
CA GLN A 180 7.18 12.43 -13.40
C GLN A 180 7.06 11.68 -14.74
N ARG A 181 7.26 10.38 -14.70
CA ARG A 181 7.14 9.53 -15.87
C ARG A 181 6.00 8.54 -15.63
N ALA A 182 4.97 8.59 -16.46
CA ALA A 182 3.87 7.63 -16.36
C ALA A 182 4.13 6.49 -17.33
N ASP A 183 4.15 5.27 -16.85
CA ASP A 183 4.38 4.07 -17.68
C ASP A 183 3.05 3.46 -18.01
N PRO A 184 2.67 3.46 -19.30
CA PRO A 184 1.34 2.92 -19.65
C PRO A 184 1.30 1.42 -19.47
N PRO A 185 0.11 0.84 -19.22
CA PRO A 185 0.04 -0.62 -19.12
C PRO A 185 0.27 -1.28 -20.47
N LYS A 186 0.86 -2.46 -20.42
CA LYS A 186 0.97 -3.42 -21.52
C LYS A 186 -0.29 -4.26 -21.39
N THR A 187 -1.15 -4.29 -22.42
CA THR A 187 -2.43 -4.98 -22.30
C THR A 187 -2.60 -6.12 -23.28
N HIS A 188 -3.36 -7.16 -22.86
CA HIS A 188 -3.71 -8.31 -23.67
C HIS A 188 -4.91 -9.04 -23.06
N VAL A 189 -5.58 -9.85 -23.88
CA VAL A 189 -6.76 -10.62 -23.47
C VAL A 189 -6.44 -12.08 -23.67
N THR A 190 -6.65 -12.87 -22.61
CA THR A 190 -6.47 -14.31 -22.64
C THR A 190 -7.84 -14.98 -22.58
N HIS A 191 -7.91 -16.21 -23.08
CA HIS A 191 -9.14 -16.98 -23.20
C HIS A 191 -8.90 -18.33 -22.54
N HIS A 192 -9.81 -18.73 -21.64
CA HIS A 192 -9.68 -19.98 -20.89
C HIS A 192 -11.02 -20.72 -20.90
N PRO A 193 -11.27 -21.75 -21.76
CA PRO A 193 -12.56 -22.46 -21.69
C PRO A 193 -12.79 -23.03 -20.29
N VAL A 194 -13.97 -22.80 -19.69
CA VAL A 194 -14.28 -23.30 -18.34
C VAL A 194 -15.24 -24.51 -18.44
N SER A 195 -15.89 -24.68 -19.61
CA SER A 195 -16.84 -25.75 -19.95
C SER A 195 -17.13 -25.72 -21.46
N ASP A 196 -18.05 -26.57 -21.97
CA ASP A 196 -18.40 -26.52 -23.39
C ASP A 196 -19.27 -25.29 -23.73
N HIS A 197 -19.95 -24.78 -22.70
CA HIS A 197 -20.96 -23.72 -22.71
C HIS A 197 -20.40 -22.32 -22.38
N GLU A 198 -19.26 -22.24 -21.65
CA GLU A 198 -18.68 -20.96 -21.23
C GLU A 198 -17.15 -20.95 -21.24
N ALA A 199 -16.57 -19.71 -21.33
CA ALA A 199 -15.14 -19.47 -21.30
C ALA A 199 -14.87 -18.19 -20.53
N THR A 200 -13.69 -18.10 -19.94
CA THR A 200 -13.27 -16.88 -19.24
C THR A 200 -12.42 -16.04 -20.16
N LEU A 201 -12.76 -14.75 -20.26
CA LEU A 201 -11.96 -13.76 -20.94
C LEU A 201 -11.25 -12.98 -19.82
N ARG A 202 -9.92 -12.90 -19.86
CA ARG A 202 -9.21 -12.15 -18.83
C ARG A 202 -8.46 -11.04 -19.50
N CYS A 203 -8.72 -9.82 -19.06
CA CYS A 203 -8.05 -8.66 -19.60
C CYS A 203 -6.92 -8.28 -18.65
N TRP A 204 -5.70 -8.28 -19.13
CA TRP A 204 -4.51 -7.97 -18.35
C TRP A 204 -3.96 -6.58 -18.56
N ALA A 205 -3.44 -5.97 -17.49
CA ALA A 205 -2.70 -4.72 -17.57
C ALA A 205 -1.41 -4.93 -16.78
N LEU A 206 -0.26 -4.80 -17.43
CA LEU A 206 1.03 -5.05 -16.77
C LEU A 206 2.00 -3.91 -16.98
N GLY A 207 2.91 -3.75 -16.03
CA GLY A 207 4.00 -2.78 -16.14
C GLY A 207 3.62 -1.32 -16.09
N PHE A 208 2.51 -0.99 -15.43
CA PHE A 208 2.12 0.41 -15.39
C PHE A 208 2.52 1.14 -14.10
N TYR A 209 2.62 2.46 -14.22
CA TYR A 209 2.94 3.37 -13.10
C TYR A 209 2.33 4.72 -13.44
N PRO A 210 1.63 5.39 -12.53
CA PRO A 210 1.31 5.00 -11.15
C PRO A 210 0.25 3.89 -11.08
N ALA A 211 -0.09 3.48 -9.85
CA ALA A 211 -0.99 2.33 -9.63
C ALA A 211 -2.44 2.60 -10.09
N GLU A 212 -2.89 3.87 -10.08
CA GLU A 212 -4.26 4.21 -10.47
C GLU A 212 -4.54 3.74 -11.92
N ILE A 213 -5.59 2.95 -12.09
CA ILE A 213 -6.01 2.42 -13.40
C ILE A 213 -7.50 2.04 -13.34
N THR A 214 -8.15 2.05 -14.51
CA THR A 214 -9.53 1.59 -14.62
C THR A 214 -9.52 0.49 -15.69
N LEU A 215 -9.97 -0.72 -15.30
CA LEU A 215 -10.11 -1.90 -16.18
C LEU A 215 -11.53 -2.36 -16.11
N THR A 216 -12.25 -2.31 -17.23
CA THR A 216 -13.66 -2.72 -17.20
C THR A 216 -13.98 -3.61 -18.42
N TRP A 217 -14.99 -4.47 -18.27
CA TRP A 217 -15.52 -5.28 -19.37
C TRP A 217 -16.88 -4.75 -19.74
N GLN A 218 -17.14 -4.68 -21.03
CA GLN A 218 -18.45 -4.33 -21.55
C GLN A 218 -18.98 -5.47 -22.39
N ARG A 219 -20.31 -5.67 -22.38
CA ARG A 219 -21.00 -6.64 -23.25
C ARG A 219 -21.96 -5.81 -24.08
N ASP A 220 -21.78 -5.78 -25.43
CA ASP A 220 -22.57 -4.96 -26.36
C ASP A 220 -22.58 -3.48 -25.92
N GLY A 221 -21.43 -2.97 -25.49
CA GLY A 221 -21.30 -1.58 -25.04
C GLY A 221 -21.83 -1.23 -23.67
N GLU A 222 -22.23 -2.21 -22.84
CA GLU A 222 -22.70 -1.87 -21.48
C GLU A 222 -21.86 -2.59 -20.41
N ASP A 223 -21.49 -1.85 -19.34
CA ASP A 223 -20.62 -2.32 -18.25
C ASP A 223 -21.16 -3.58 -17.57
N GLN A 224 -20.25 -4.53 -17.34
CA GLN A 224 -20.54 -5.82 -16.70
C GLN A 224 -20.01 -5.82 -15.26
N THR A 225 -20.25 -4.72 -14.51
CA THR A 225 -19.75 -4.51 -13.14
C THR A 225 -20.01 -5.72 -12.23
N GLN A 226 -21.28 -6.17 -12.12
CA GLN A 226 -21.63 -7.28 -11.25
C GLN A 226 -21.03 -8.63 -11.67
N ASP A 227 -20.75 -8.84 -12.97
CA ASP A 227 -20.21 -10.11 -13.45
C ASP A 227 -18.67 -10.10 -13.67
N THR A 228 -18.02 -8.96 -13.41
CA THR A 228 -16.56 -8.89 -13.58
C THR A 228 -15.82 -9.24 -12.29
N GLU A 229 -14.84 -10.16 -12.40
CA GLU A 229 -13.95 -10.50 -11.29
C GLU A 229 -12.75 -9.57 -11.46
N LEU A 230 -12.56 -8.65 -10.52
CA LEU A 230 -11.50 -7.66 -10.57
C LEU A 230 -10.53 -7.91 -9.45
N VAL A 231 -9.26 -8.20 -9.76
CA VAL A 231 -8.30 -8.43 -8.67
C VAL A 231 -7.75 -7.10 -8.21
N GLU A 232 -7.27 -7.05 -6.96
CA GLU A 232 -6.67 -5.85 -6.45
C GLU A 232 -5.39 -5.54 -7.24
N THR A 233 -5.15 -4.25 -7.55
CA THR A 233 -3.93 -3.82 -8.20
C THR A 233 -2.76 -4.29 -7.32
N ARG A 234 -1.75 -4.87 -7.92
CA ARG A 234 -0.68 -5.51 -7.17
C ARG A 234 0.70 -5.05 -7.67
N PRO A 235 1.71 -4.91 -6.77
CA PRO A 235 3.02 -4.43 -7.20
C PRO A 235 3.84 -5.54 -7.88
N ALA A 236 4.56 -5.19 -8.95
CA ALA A 236 5.40 -6.17 -9.60
C ALA A 236 6.72 -6.42 -8.85
N GLY A 237 7.15 -5.42 -8.07
CA GLY A 237 8.39 -5.45 -7.29
C GLY A 237 9.49 -4.62 -7.94
N ASP A 238 9.22 -4.07 -9.15
CA ASP A 238 10.15 -3.27 -9.93
C ASP A 238 9.65 -1.81 -10.15
N ARG A 239 8.77 -1.32 -9.28
CA ARG A 239 8.09 -0.01 -9.28
C ARG A 239 6.73 -0.09 -9.98
N THR A 240 6.54 -0.99 -10.92
CA THR A 240 5.28 -1.05 -11.67
C THR A 240 4.22 -1.89 -10.99
N PHE A 241 3.01 -1.85 -11.56
CA PHE A 241 1.86 -2.55 -11.00
C PHE A 241 1.20 -3.41 -12.05
N GLN A 242 0.33 -4.31 -11.59
CA GLN A 242 -0.39 -5.23 -12.45
C GLN A 242 -1.82 -5.33 -12.02
N LYS A 243 -2.70 -5.64 -12.95
CA LYS A 243 -4.11 -5.85 -12.63
C LYS A 243 -4.74 -6.68 -13.72
N TRP A 244 -5.80 -7.39 -13.39
CA TRP A 244 -6.59 -8.08 -14.42
C TRP A 244 -8.07 -8.03 -14.06
N ALA A 245 -8.93 -8.19 -15.09
CA ALA A 245 -10.39 -8.21 -14.94
C ALA A 245 -10.86 -9.37 -15.74
N ALA A 246 -11.76 -10.17 -15.21
CA ALA A 246 -12.23 -11.34 -15.96
C ALA A 246 -13.74 -11.43 -16.01
N VAL A 247 -14.25 -11.97 -17.11
CA VAL A 247 -15.68 -12.21 -17.32
C VAL A 247 -15.86 -13.63 -17.85
N VAL A 248 -16.92 -14.31 -17.39
CA VAL A 248 -17.25 -15.64 -17.89
C VAL A 248 -18.32 -15.43 -18.94
N VAL A 249 -17.98 -15.76 -20.19
CA VAL A 249 -18.83 -15.49 -21.32
C VAL A 249 -19.36 -16.80 -21.97
N PRO A 250 -20.56 -16.76 -22.60
CA PRO A 250 -21.05 -17.96 -23.33
C PRO A 250 -20.19 -18.23 -24.57
N SER A 251 -19.89 -19.52 -24.84
CA SER A 251 -19.07 -19.93 -25.99
C SER A 251 -19.68 -19.41 -27.29
N GLY A 252 -18.86 -18.77 -28.11
CA GLY A 252 -19.28 -18.17 -29.37
C GLY A 252 -19.70 -16.70 -29.28
N GLU A 253 -19.88 -16.15 -28.06
CA GLU A 253 -20.26 -14.75 -27.86
C GLU A 253 -19.05 -13.85 -27.51
N GLU A 254 -17.82 -14.37 -27.62
CA GLU A 254 -16.61 -13.65 -27.21
C GLU A 254 -16.45 -12.27 -27.85
N GLN A 255 -16.86 -12.11 -29.12
CA GLN A 255 -16.64 -10.82 -29.82
C GLN A 255 -17.63 -9.72 -29.39
N ARG A 256 -18.63 -10.07 -28.57
CA ARG A 256 -19.57 -9.09 -28.02
C ARG A 256 -18.97 -8.40 -26.78
N TYR A 257 -17.78 -8.85 -26.35
CA TYR A 257 -17.14 -8.33 -25.15
C TYR A 257 -15.95 -7.49 -25.46
N THR A 258 -15.87 -6.34 -24.79
CA THR A 258 -14.72 -5.43 -24.97
C THR A 258 -14.15 -5.03 -23.64
N CYS A 259 -12.83 -5.04 -23.55
CA CYS A 259 -12.11 -4.59 -22.35
C CYS A 259 -11.66 -3.14 -22.56
N HIS A 260 -11.91 -2.29 -21.56
CA HIS A 260 -11.62 -0.86 -21.63
C HIS A 260 -10.59 -0.51 -20.56
N VAL A 261 -9.51 0.15 -21.00
CA VAL A 261 -8.39 0.50 -20.11
C VAL A 261 -8.16 2.00 -20.07
N GLN A 262 -8.17 2.60 -18.86
CA GLN A 262 -7.82 4.01 -18.72
C GLN A 262 -6.65 4.11 -17.75
N HIS A 263 -5.63 4.85 -18.13
CA HIS A 263 -4.42 5.08 -17.33
C HIS A 263 -3.80 6.40 -17.73
N GLU A 264 -3.16 7.10 -16.78
CA GLU A 264 -2.48 8.38 -17.02
C GLU A 264 -1.43 8.29 -18.13
N GLY A 265 -0.80 7.13 -18.27
CA GLY A 265 0.19 6.86 -19.30
C GLY A 265 -0.45 6.70 -20.68
N LEU A 266 -1.80 6.69 -20.76
CA LEU A 266 -2.56 6.53 -22.03
C LEU A 266 -3.23 7.85 -22.42
N PRO A 267 -2.86 8.40 -23.56
CA PRO A 267 -3.51 9.62 -24.07
C PRO A 267 -5.03 9.45 -24.10
N LYS A 268 -5.40 8.33 -24.70
CA LYS A 268 -6.77 7.97 -24.92
C LYS A 268 -7.07 6.59 -24.39
N PRO A 269 -8.29 6.45 -23.77
CA PRO A 269 -8.56 5.09 -23.25
C PRO A 269 -8.49 4.01 -24.30
N LEU A 270 -8.02 2.78 -24.00
CA LEU A 270 -7.91 1.67 -24.91
C LEU A 270 -9.14 0.74 -24.93
N THR A 271 -9.36 0.08 -26.06
CA THR A 271 -10.46 -0.88 -26.25
C THR A 271 -9.79 -2.15 -26.79
N LEU A 272 -9.99 -3.30 -26.11
CA LEU A 272 -9.41 -4.58 -26.48
C LEU A 272 -10.45 -5.64 -26.59
N ARG A 273 -10.21 -6.62 -27.46
CA ARG A 273 -11.04 -7.81 -27.61
C ARG A 273 -10.14 -9.02 -27.64
N TRP A 274 -10.72 -10.20 -27.43
CA TRP A 274 -9.97 -11.42 -27.58
C TRP A 274 -9.63 -11.57 -29.05
N GLU A 275 -8.35 -11.83 -29.33
CA GLU A 275 -7.83 -12.01 -30.68
C GLU A 275 -7.50 -13.50 -30.89
N PRO A 276 -8.44 -14.31 -31.43
CA PRO A 276 -8.14 -15.74 -31.64
C PRO A 276 -7.18 -15.94 -32.84
N ILE B 2 -12.30 -6.23 16.21
CA ILE B 2 -12.64 -6.19 14.78
C ILE B 2 -11.36 -6.39 13.97
N GLN B 3 -11.26 -7.53 13.31
CA GLN B 3 -10.08 -7.92 12.54
C GLN B 3 -10.44 -8.22 11.09
N ARG B 4 -9.46 -8.10 10.20
CA ARG B 4 -9.63 -8.29 8.76
C ARG B 4 -8.64 -9.30 8.24
N THR B 5 -9.17 -10.28 7.49
CA THR B 5 -8.38 -11.38 6.98
C THR B 5 -7.60 -10.97 5.73
N PRO B 6 -6.41 -11.53 5.50
CA PRO B 6 -5.66 -11.11 4.32
C PRO B 6 -6.18 -11.67 3.00
N LYS B 7 -6.11 -10.82 1.98
CA LYS B 7 -6.29 -11.17 0.58
C LYS B 7 -4.91 -11.63 0.16
N ILE B 8 -4.80 -12.67 -0.69
CA ILE B 8 -3.52 -13.21 -1.10
C ILE B 8 -3.48 -13.37 -2.61
N GLN B 9 -2.41 -12.89 -3.22
CA GLN B 9 -2.17 -13.09 -4.67
C GLN B 9 -0.78 -13.60 -4.85
N VAL B 10 -0.65 -14.69 -5.64
CA VAL B 10 0.67 -15.30 -5.96
C VAL B 10 0.87 -15.16 -7.44
N TYR B 11 1.99 -14.60 -7.85
CA TYR B 11 2.19 -14.26 -9.26
C TYR B 11 3.62 -13.92 -9.55
N SER B 12 3.97 -13.83 -10.83
CA SER B 12 5.34 -13.51 -11.17
C SER B 12 5.51 -12.05 -11.58
N ARG B 13 6.71 -11.51 -11.39
CA ARG B 13 7.00 -10.11 -11.76
C ARG B 13 6.87 -9.90 -13.27
N HIS B 14 7.50 -10.81 -14.01
CA HIS B 14 7.51 -10.80 -15.47
C HIS B 14 6.70 -11.98 -16.00
N PRO B 15 6.18 -11.93 -17.26
CA PRO B 15 5.43 -13.09 -17.78
C PRO B 15 6.26 -14.37 -17.65
N ALA B 16 5.62 -15.44 -17.17
CA ALA B 16 6.31 -16.71 -16.91
C ALA B 16 6.70 -17.43 -18.19
N GLU B 17 7.99 -17.72 -18.31
CA GLU B 17 8.60 -18.48 -19.40
C GLU B 17 9.47 -19.54 -18.75
N ASN B 18 9.11 -20.84 -18.94
CA ASN B 18 9.84 -21.98 -18.35
C ASN B 18 11.34 -21.91 -18.67
N GLY B 19 12.16 -22.13 -17.65
CA GLY B 19 13.62 -22.06 -17.78
C GLY B 19 14.23 -20.68 -17.76
N LYS B 20 13.39 -19.61 -17.63
CA LYS B 20 13.87 -18.21 -17.58
C LYS B 20 13.68 -17.63 -16.16
N SER B 21 14.75 -17.07 -15.59
CA SER B 21 14.76 -16.49 -14.24
C SER B 21 13.74 -15.36 -14.13
N ASN B 22 13.02 -15.35 -13.03
CA ASN B 22 11.94 -14.38 -12.80
C ASN B 22 11.91 -14.08 -11.31
N PHE B 23 10.82 -13.48 -10.84
CA PHE B 23 10.61 -13.24 -9.41
C PHE B 23 9.23 -13.73 -9.05
N LEU B 24 9.13 -14.54 -7.98
CA LEU B 24 7.87 -15.06 -7.44
C LEU B 24 7.44 -14.13 -6.34
N ASN B 25 6.21 -13.63 -6.45
CA ASN B 25 5.60 -12.68 -5.55
C ASN B 25 4.46 -13.26 -4.82
N CYS B 26 4.34 -12.86 -3.55
CA CYS B 26 3.14 -13.15 -2.77
C CYS B 26 2.76 -11.85 -2.13
N TYR B 27 1.66 -11.28 -2.61
CA TYR B 27 1.14 -10.01 -2.13
C TYR B 27 0.01 -10.28 -1.18
N VAL B 28 0.17 -9.84 0.09
CA VAL B 28 -0.83 -9.99 1.11
C VAL B 28 -1.33 -8.60 1.39
N SER B 29 -2.63 -8.44 1.45
CA SER B 29 -3.20 -7.10 1.62
C SER B 29 -4.57 -7.15 2.28
N GLY B 30 -5.08 -5.99 2.70
CA GLY B 30 -6.41 -5.90 3.30
C GLY B 30 -6.55 -6.50 4.69
N PHE B 31 -5.43 -6.73 5.40
CA PHE B 31 -5.50 -7.36 6.72
C PHE B 31 -5.27 -6.41 7.85
N HIS B 32 -5.77 -6.81 9.02
CA HIS B 32 -5.64 -6.06 10.26
C HIS B 32 -5.91 -7.02 11.41
N PRO B 33 -5.03 -7.12 12.42
CA PRO B 33 -3.84 -6.31 12.69
C PRO B 33 -2.67 -6.70 11.77
N SER B 34 -1.50 -6.09 11.98
CA SER B 34 -0.38 -6.19 11.08
C SER B 34 0.46 -7.46 11.18
N ASP B 35 0.50 -8.17 12.32
CA ASP B 35 1.33 -9.39 12.39
C ASP B 35 0.83 -10.40 11.37
N ILE B 36 1.75 -10.95 10.60
CA ILE B 36 1.40 -11.93 9.57
C ILE B 36 2.65 -12.80 9.29
N GLU B 37 2.41 -14.08 8.96
CA GLU B 37 3.46 -15.04 8.64
C GLU B 37 3.32 -15.41 7.20
N VAL B 38 4.34 -15.15 6.40
CA VAL B 38 4.28 -15.46 4.99
C VAL B 38 5.50 -16.25 4.59
N ASP B 39 5.26 -17.40 3.95
CA ASP B 39 6.29 -18.26 3.41
C ASP B 39 6.00 -18.52 1.94
N LEU B 40 7.04 -18.51 1.13
CA LEU B 40 7.00 -18.91 -0.28
C LEU B 40 7.42 -20.37 -0.30
N LEU B 41 6.68 -21.23 -1.00
CA LEU B 41 6.96 -22.67 -1.04
C LEU B 41 7.34 -23.16 -2.44
N LYS B 42 8.29 -24.09 -2.50
CA LYS B 42 8.69 -24.76 -3.76
C LYS B 42 8.51 -26.25 -3.50
N ASN B 43 7.45 -26.85 -4.11
CA ASN B 43 7.05 -28.26 -3.95
C ASN B 43 6.79 -28.56 -2.46
N GLY B 44 6.02 -27.66 -1.83
CA GLY B 44 5.63 -27.75 -0.43
C GLY B 44 6.72 -27.43 0.58
N GLU B 45 7.95 -27.07 0.13
CA GLU B 45 9.10 -26.76 0.98
C GLU B 45 9.39 -25.24 1.04
N ARG B 46 9.60 -24.71 2.26
CA ARG B 46 9.84 -23.29 2.49
C ARG B 46 11.14 -22.82 1.81
N ILE B 47 11.00 -21.77 0.99
CA ILE B 47 12.12 -21.11 0.34
C ILE B 47 12.76 -20.25 1.42
N GLU B 48 14.04 -20.49 1.63
CA GLU B 48 14.80 -19.87 2.70
C GLU B 48 15.10 -18.40 2.44
N LYS B 49 15.51 -18.02 1.22
CA LYS B 49 15.88 -16.62 1.00
C LYS B 49 14.71 -15.82 0.38
N VAL B 50 13.85 -15.25 1.26
CA VAL B 50 12.69 -14.45 0.84
C VAL B 50 12.82 -13.03 1.44
N GLU B 51 12.60 -12.00 0.60
CA GLU B 51 12.66 -10.60 1.06
C GLU B 51 11.25 -10.04 1.12
N HIS B 52 11.05 -8.93 1.83
CA HIS B 52 9.71 -8.35 1.86
C HIS B 52 9.76 -6.84 1.91
N SER B 53 8.67 -6.20 1.50
CA SER B 53 8.57 -4.74 1.57
C SER B 53 8.37 -4.24 3.01
N ASP B 54 8.51 -2.92 3.19
CA ASP B 54 8.30 -2.30 4.50
C ASP B 54 6.82 -2.15 4.76
N LEU B 55 6.41 -2.37 6.01
CA LEU B 55 5.00 -2.30 6.39
C LEU B 55 4.39 -0.95 6.06
N SER B 56 3.30 -0.99 5.27
CA SER B 56 2.54 0.21 4.95
C SER B 56 1.07 -0.15 4.93
N PHE B 57 0.22 0.83 4.68
CA PHE B 57 -1.21 0.50 4.69
C PHE B 57 -1.96 1.38 3.70
N SER B 58 -3.19 0.93 3.39
CA SER B 58 -4.11 1.54 2.43
C SER B 58 -4.98 2.63 3.11
N LYS B 59 -5.76 3.37 2.28
CA LYS B 59 -6.63 4.44 2.78
C LYS B 59 -7.65 3.92 3.80
N ASP B 60 -8.06 2.62 3.72
CA ASP B 60 -9.01 2.02 4.69
C ASP B 60 -8.27 1.45 5.93
N TRP B 61 -6.96 1.79 6.10
CA TRP B 61 -6.11 1.38 7.24
C TRP B 61 -5.64 -0.08 7.19
N SER B 62 -6.08 -0.87 6.17
CA SER B 62 -5.61 -2.24 6.13
C SER B 62 -4.17 -2.31 5.62
N PHE B 63 -3.40 -3.25 6.19
CA PHE B 63 -1.99 -3.39 5.85
C PHE B 63 -1.78 -4.15 4.57
N TYR B 64 -0.59 -3.94 3.99
CA TYR B 64 -0.20 -4.72 2.82
C TYR B 64 1.31 -4.95 2.82
N LEU B 65 1.72 -6.09 2.28
CA LEU B 65 3.13 -6.47 2.18
C LEU B 65 3.37 -7.28 0.93
N LEU B 66 4.55 -7.13 0.36
CA LEU B 66 4.98 -7.95 -0.77
C LEU B 66 6.17 -8.80 -0.32
N TYR B 67 6.06 -10.12 -0.47
CA TYR B 67 7.11 -11.12 -0.21
C TYR B 67 7.57 -11.58 -1.56
N TYR B 68 8.87 -11.63 -1.79
CA TYR B 68 9.38 -11.99 -3.12
C TYR B 68 10.72 -12.68 -3.08
N THR B 69 10.95 -13.51 -4.11
CA THR B 69 12.22 -14.21 -4.27
C THR B 69 12.46 -14.48 -5.76
N GLU B 70 13.74 -14.59 -6.15
CA GLU B 70 14.10 -15.04 -7.50
C GLU B 70 13.67 -16.53 -7.65
N PHE B 71 13.14 -16.91 -8.81
CA PHE B 71 12.75 -18.29 -9.12
C PHE B 71 12.87 -18.48 -10.63
N THR B 72 13.07 -19.71 -11.07
CA THR B 72 13.12 -20.07 -12.48
C THR B 72 11.97 -21.03 -12.64
N PRO B 73 10.81 -20.60 -13.19
CA PRO B 73 9.68 -21.54 -13.31
C PRO B 73 9.99 -22.67 -14.29
N THR B 74 9.33 -23.81 -14.09
CA THR B 74 9.45 -25.02 -14.92
C THR B 74 8.06 -25.61 -15.10
N GLU B 75 7.93 -26.63 -15.97
CA GLU B 75 6.65 -27.31 -16.21
C GLU B 75 6.25 -28.17 -14.98
N LYS B 76 7.24 -28.75 -14.28
CA LYS B 76 6.97 -29.69 -13.19
C LYS B 76 6.97 -29.09 -11.78
N ASP B 77 7.72 -27.99 -11.53
CA ASP B 77 7.78 -27.42 -10.18
C ASP B 77 6.48 -26.71 -9.79
N GLU B 78 6.07 -26.91 -8.53
CA GLU B 78 4.86 -26.31 -7.96
C GLU B 78 5.24 -25.21 -6.96
N TYR B 79 4.71 -24.00 -7.15
CA TYR B 79 5.00 -22.89 -6.25
C TYR B 79 3.77 -22.46 -5.52
N ALA B 80 3.96 -21.93 -4.31
CA ALA B 80 2.80 -21.48 -3.56
C ALA B 80 3.21 -20.47 -2.52
N CYS B 81 2.20 -19.90 -1.88
CA CYS B 81 2.38 -18.98 -0.76
C CYS B 81 1.57 -19.52 0.40
N ARG B 82 2.20 -19.62 1.60
CA ARG B 82 1.52 -20.07 2.80
C ARG B 82 1.45 -18.90 3.76
N VAL B 83 0.24 -18.54 4.13
CA VAL B 83 -0.02 -17.37 4.98
C VAL B 83 -0.75 -17.77 6.24
N ASN B 84 -0.29 -17.21 7.38
CA ASN B 84 -1.04 -17.34 8.61
C ASN B 84 -1.24 -15.94 9.23
N HIS B 85 -2.39 -15.75 9.84
CA HIS B 85 -2.83 -14.52 10.46
C HIS B 85 -3.74 -14.89 11.60
N VAL B 86 -3.96 -13.98 12.53
CA VAL B 86 -4.82 -14.21 13.71
C VAL B 86 -6.26 -14.60 13.27
N THR B 87 -6.71 -14.09 12.12
CA THR B 87 -8.05 -14.36 11.56
C THR B 87 -8.18 -15.78 10.99
N LEU B 88 -7.07 -16.47 10.73
CA LEU B 88 -7.08 -17.82 10.13
C LEU B 88 -6.83 -18.90 11.19
N SER B 89 -7.72 -19.92 11.25
CA SER B 89 -7.56 -21.02 12.20
C SER B 89 -6.37 -21.90 11.80
N GLN B 90 -6.13 -22.02 10.50
CA GLN B 90 -5.01 -22.79 9.97
C GLN B 90 -4.33 -21.99 8.83
N PRO B 91 -3.02 -22.19 8.54
CA PRO B 91 -2.41 -21.44 7.42
C PRO B 91 -3.13 -21.68 6.09
N LYS B 92 -3.21 -20.63 5.27
CA LYS B 92 -3.83 -20.67 3.95
C LYS B 92 -2.76 -20.84 2.92
N ILE B 93 -2.90 -21.85 2.06
CA ILE B 93 -1.94 -22.08 0.99
C ILE B 93 -2.66 -21.68 -0.29
N VAL B 94 -1.99 -20.84 -1.07
CA VAL B 94 -2.49 -20.34 -2.36
C VAL B 94 -1.44 -20.72 -3.38
N LYS B 95 -1.82 -21.57 -4.35
CA LYS B 95 -0.86 -22.03 -5.36
C LYS B 95 -0.62 -21.00 -6.42
N TRP B 96 0.57 -21.00 -7.00
CA TRP B 96 0.88 -20.13 -8.11
C TRP B 96 0.26 -20.70 -9.39
N ASP B 97 -0.54 -19.88 -10.04
CA ASP B 97 -1.16 -20.17 -11.33
C ASP B 97 -0.70 -19.05 -12.27
N ARG B 98 0.11 -19.38 -13.26
CA ARG B 98 0.68 -18.39 -14.19
C ARG B 98 -0.42 -17.68 -15.05
N ASP B 99 -1.68 -18.16 -14.97
CA ASP B 99 -2.84 -17.57 -15.65
C ASP B 99 -3.60 -16.62 -14.71
N MET B 100 -3.04 -16.38 -13.51
CA MET B 100 -3.71 -15.56 -12.49
C MET B 100 -2.78 -14.46 -11.88
N LEU C 1 9.98 15.47 3.58
CA LEU C 1 10.45 15.68 4.96
C LEU C 1 9.26 15.56 5.92
N PRO C 2 9.38 14.80 7.04
CA PRO C 2 8.22 14.63 7.94
C PRO C 2 7.94 15.84 8.84
N PHE C 3 6.74 15.87 9.42
CA PHE C 3 6.32 16.88 10.39
C PHE C 3 7.18 16.74 11.65
N ASP C 4 7.68 17.86 12.22
CA ASP C 4 8.66 17.79 13.31
C ASP C 4 8.16 18.05 14.74
N LYS C 5 6.85 18.25 14.94
CA LYS C 5 6.35 18.54 16.29
C LYS C 5 5.68 17.34 16.90
N PRO C 6 5.82 17.11 18.24
CA PRO C 6 5.16 15.95 18.86
C PRO C 6 3.65 16.11 18.89
N THR C 7 2.94 14.99 18.80
CA THR C 7 1.48 14.99 18.84
C THR C 7 0.97 13.94 19.86
N ILE C 8 1.41 14.00 21.15
CA ILE C 8 0.93 13.04 22.17
C ILE C 8 -0.59 13.07 22.20
N MET C 9 -1.22 11.91 22.05
CA MET C 9 -2.69 11.77 21.98
C MET C 9 -3.36 11.64 23.36
#